data_6O0Q
#
_entry.id   6O0Q
#
_cell.length_a   32.986
_cell.length_b   86.019
_cell.length_c   116.684
_cell.angle_alpha   90.00
_cell.angle_beta   90.00
_cell.angle_gamma   90.00
#
_symmetry.space_group_name_H-M   'P 2 21 21'
#
loop_
_entity.id
_entity.type
_entity.pdbx_description
1 polymer 'Sterile alpha and TIR motif-containing protein 1'
2 non-polymer beta-D-ribofuranose
3 non-polymer 'CHLORIDE ION'
4 water water
#
_entity_poly.entity_id   1
_entity_poly.type   'polypeptide(L)'
_entity_poly.pdbx_seq_one_letter_code
;SNADTPDVFISYRRNSGSQLASLLKVHLQLHGFSVFIDVEKLEAGKFEDKLIQSVMGARNFVLVLSPGALDKCMQDHDCK
DWVHKEIVTALSCGKNIVPIIDGFEWPEPQVLPEDMQAVLTFNGIKWSHEYQEATIEKIIRFLQ
;
_entity_poly.pdbx_strand_id   A,B
#
# COMPACT_ATOMS: atom_id res chain seq x y z
N THR A 5 0.86 -9.44 -24.08
CA THR A 5 0.20 -8.21 -23.63
C THR A 5 -0.55 -8.43 -22.32
N PRO A 6 -0.53 -7.42 -21.46
CA PRO A 6 -1.20 -7.56 -20.17
C PRO A 6 -2.70 -7.52 -20.31
N ASP A 7 -3.37 -8.20 -19.38
CA ASP A 7 -4.82 -8.13 -19.22
C ASP A 7 -5.23 -6.85 -18.52
N VAL A 8 -4.36 -6.31 -17.69
CA VAL A 8 -4.68 -5.24 -16.75
C VAL A 8 -3.55 -4.22 -16.77
N PHE A 9 -3.90 -2.95 -16.94
CA PHE A 9 -3.00 -1.83 -16.73
C PHE A 9 -3.37 -1.13 -15.44
N ILE A 10 -2.40 -0.92 -14.56
CA ILE A 10 -2.64 -0.21 -13.31
C ILE A 10 -2.11 1.20 -13.41
N SER A 11 -3.02 2.17 -13.31
CA SER A 11 -2.73 3.60 -13.34
C SER A 11 -2.88 4.12 -11.92
N TYR A 12 -1.88 4.88 -11.46
CA TYR A 12 -1.81 5.33 -10.07
C TYR A 12 -0.97 6.60 -9.96
N ARG A 13 -1.26 7.37 -8.89
CA ARG A 13 -0.54 8.61 -8.51
C ARG A 13 0.66 8.15 -7.69
N ARG A 14 1.89 8.41 -8.15
CA ARG A 14 3.09 7.89 -7.51
C ARG A 14 3.20 8.34 -6.07
N ASN A 15 2.84 9.59 -5.78
CA ASN A 15 3.08 10.12 -4.44
C ASN A 15 2.09 9.64 -3.38
N SER A 16 1.03 8.89 -3.74
CA SER A 16 0.00 8.55 -2.77
C SER A 16 -0.65 7.20 -2.99
N GLY A 17 -0.58 6.65 -4.20
CA GLY A 17 -1.19 5.37 -4.52
C GLY A 17 -0.23 4.22 -4.81
N SER A 18 1.06 4.40 -4.57
N SER A 18 1.07 4.41 -4.58
CA SER A 18 2.05 3.40 -4.98
CA SER A 18 2.06 3.40 -4.95
C SER A 18 1.86 2.08 -4.25
C SER A 18 1.83 2.08 -4.22
N GLN A 19 1.57 2.12 -2.94
N GLN A 19 1.55 2.14 -2.92
CA GLN A 19 1.43 0.88 -2.19
CA GLN A 19 1.43 0.90 -2.16
C GLN A 19 0.19 0.09 -2.60
C GLN A 19 0.19 0.10 -2.56
N LEU A 20 -0.97 0.76 -2.66
CA LEU A 20 -2.17 0.07 -3.13
C LEU A 20 -2.00 -0.46 -4.55
N ALA A 21 -1.36 0.31 -5.44
CA ALA A 21 -1.15 -0.18 -6.79
C ALA A 21 -0.35 -1.47 -6.78
N SER A 22 0.70 -1.54 -5.94
CA SER A 22 1.54 -2.71 -5.86
C SER A 22 0.77 -3.89 -5.28
N LEU A 23 -0.08 -3.64 -4.28
CA LEU A 23 -0.90 -4.68 -3.65
C LEU A 23 -1.91 -5.25 -4.64
N LEU A 24 -2.55 -4.39 -5.42
CA LEU A 24 -3.41 -4.84 -6.49
C LEU A 24 -2.66 -5.73 -7.48
N LYS A 25 -1.45 -5.30 -7.86
CA LYS A 25 -0.67 -6.10 -8.80
C LYS A 25 -0.42 -7.49 -8.26
N VAL A 26 0.00 -7.61 -7.00
CA VAL A 26 0.30 -8.93 -6.47
C VAL A 26 -0.95 -9.81 -6.48
N HIS A 27 -2.06 -9.27 -5.97
CA HIS A 27 -3.28 -10.06 -5.91
C HIS A 27 -3.78 -10.47 -7.28
N LEU A 28 -3.76 -9.55 -8.24
CA LEU A 28 -4.27 -9.91 -9.55
C LEU A 28 -3.37 -10.93 -10.24
N GLN A 29 -2.06 -10.84 -10.02
CA GLN A 29 -1.19 -11.87 -10.57
C GLN A 29 -1.47 -13.22 -9.92
N LEU A 30 -1.79 -13.23 -8.63
CA LEU A 30 -2.04 -14.50 -7.96
C LEU A 30 -3.28 -15.17 -8.51
N HIS A 31 -4.22 -14.39 -9.01
CA HIS A 31 -5.44 -14.92 -9.59
C HIS A 31 -5.32 -15.13 -11.10
N GLY A 32 -4.09 -15.06 -11.65
CA GLY A 32 -3.82 -15.45 -13.02
C GLY A 32 -3.89 -14.34 -14.07
N PHE A 33 -4.00 -13.09 -13.67
CA PHE A 33 -4.02 -12.00 -14.64
C PHE A 33 -2.61 -11.53 -14.91
N SER A 34 -2.35 -11.14 -16.16
N SER A 34 -2.33 -11.24 -16.18
CA SER A 34 -1.08 -10.52 -16.54
CA SER A 34 -1.11 -10.52 -16.54
C SER A 34 -1.23 -9.02 -16.39
C SER A 34 -1.33 -9.05 -16.23
N VAL A 35 -0.40 -8.44 -15.52
CA VAL A 35 -0.56 -7.07 -15.08
C VAL A 35 0.60 -6.23 -15.58
N PHE A 36 0.28 -5.03 -16.06
CA PHE A 36 1.26 -3.99 -16.30
C PHE A 36 1.22 -2.96 -15.17
N ILE A 37 2.33 -2.81 -14.47
CA ILE A 37 2.57 -1.66 -13.63
C ILE A 37 3.94 -1.15 -14.01
N ASP A 38 4.09 0.14 -14.07
CA ASP A 38 5.30 0.78 -14.60
C ASP A 38 6.59 0.21 -13.99
N VAL A 39 6.66 0.07 -12.69
CA VAL A 39 7.94 -0.28 -12.06
C VAL A 39 8.35 -1.71 -12.40
N GLU A 40 7.45 -2.54 -12.90
CA GLU A 40 7.83 -3.88 -13.32
C GLU A 40 7.93 -4.04 -14.82
N LYS A 41 7.15 -3.32 -15.61
CA LYS A 41 7.06 -3.64 -17.03
C LYS A 41 7.44 -2.53 -17.99
N LEU A 42 7.58 -1.30 -17.51
CA LEU A 42 8.03 -0.22 -18.36
C LEU A 42 9.55 -0.37 -18.57
N GLU A 43 9.96 -0.55 -19.81
CA GLU A 43 11.38 -0.76 -20.04
C GLU A 43 11.95 0.38 -20.89
N ALA A 44 12.93 0.07 -21.72
CA ALA A 44 13.71 1.15 -22.31
C ALA A 44 12.91 1.87 -23.39
N GLY A 45 13.24 3.14 -23.60
CA GLY A 45 12.73 3.94 -24.69
C GLY A 45 12.01 5.17 -24.20
N LYS A 46 11.30 5.83 -25.13
CA LYS A 46 10.57 7.06 -24.82
C LYS A 46 9.33 6.69 -24.02
N PHE A 47 9.30 7.09 -22.74
CA PHE A 47 8.31 6.50 -21.84
C PHE A 47 6.90 6.99 -22.14
N GLU A 48 6.75 8.22 -22.61
CA GLU A 48 5.41 8.70 -22.99
C GLU A 48 4.75 7.75 -23.97
N ASP A 49 5.45 7.43 -25.05
CA ASP A 49 4.91 6.53 -26.06
C ASP A 49 4.70 5.13 -25.52
N LYS A 50 5.66 4.62 -24.74
CA LYS A 50 5.52 3.25 -24.22
C LYS A 50 4.35 3.14 -23.24
N LEU A 51 4.13 4.15 -22.40
CA LEU A 51 3.03 4.08 -21.46
C LEU A 51 1.69 4.09 -22.18
N ILE A 52 1.52 4.99 -23.14
CA ILE A 52 0.26 5.00 -23.90
C ILE A 52 0.03 3.68 -24.63
N GLN A 53 1.07 3.15 -25.29
CA GLN A 53 0.91 1.87 -25.96
C GLN A 53 0.52 0.75 -25.00
N SER A 54 1.04 0.78 -23.76
CA SER A 54 0.69 -0.23 -22.77
C SER A 54 -0.76 -0.10 -22.30
N VAL A 55 -1.28 1.12 -22.21
CA VAL A 55 -2.70 1.28 -21.92
C VAL A 55 -3.52 0.68 -23.04
N MET A 56 -3.12 0.97 -24.28
CA MET A 56 -3.86 0.48 -25.44
C MET A 56 -3.86 -1.04 -25.48
N GLY A 57 -2.80 -1.70 -25.01
CA GLY A 57 -2.74 -3.14 -25.16
C GLY A 57 -3.56 -3.90 -24.14
N ALA A 58 -3.91 -3.30 -23.01
CA ALA A 58 -4.56 -4.02 -21.91
C ALA A 58 -6.06 -3.87 -22.02
N ARG A 59 -6.80 -4.98 -21.85
CA ARG A 59 -8.25 -4.90 -21.92
C ARG A 59 -8.82 -4.08 -20.78
N ASN A 60 -8.25 -4.24 -19.58
CA ASN A 60 -8.76 -3.65 -18.36
C ASN A 60 -7.83 -2.53 -17.91
N PHE A 61 -8.43 -1.43 -17.45
CA PHE A 61 -7.73 -0.23 -16.95
C PHE A 61 -8.17 -0.02 -15.52
N VAL A 62 -7.30 -0.37 -14.58
CA VAL A 62 -7.56 -0.27 -13.14
C VAL A 62 -6.98 1.06 -12.65
N LEU A 63 -7.84 1.95 -12.18
CA LEU A 63 -7.42 3.30 -11.82
C LEU A 63 -7.45 3.44 -10.31
N VAL A 64 -6.27 3.66 -9.71
CA VAL A 64 -6.17 3.78 -8.25
C VAL A 64 -6.45 5.23 -7.87
N LEU A 65 -7.59 5.45 -7.22
CA LEU A 65 -7.98 6.77 -6.75
C LEU A 65 -7.75 6.85 -5.25
N SER A 66 -6.48 7.16 -4.93
CA SER A 66 -6.02 7.56 -3.62
C SER A 66 -6.39 9.01 -3.38
N PRO A 67 -6.25 9.49 -2.14
CA PRO A 67 -6.64 10.88 -1.85
C PRO A 67 -5.88 11.87 -2.74
N GLY A 68 -6.63 12.73 -3.43
CA GLY A 68 -6.01 13.74 -4.27
C GLY A 68 -5.45 13.24 -5.58
N ALA A 69 -5.78 12.00 -5.97
CA ALA A 69 -5.09 11.39 -7.10
C ALA A 69 -5.31 12.12 -8.40
N LEU A 70 -6.43 12.85 -8.55
CA LEU A 70 -6.68 13.57 -9.80
C LEU A 70 -6.32 15.05 -9.70
N ASP A 71 -5.69 15.48 -8.61
CA ASP A 71 -5.41 16.91 -8.42
C ASP A 71 -4.51 17.44 -9.54
N LYS A 72 -3.49 16.69 -9.92
CA LYS A 72 -2.56 17.18 -10.93
C LYS A 72 -3.19 17.20 -12.31
N CYS A 73 -4.34 16.54 -12.47
CA CYS A 73 -5.08 16.57 -13.73
C CYS A 73 -5.87 17.87 -13.88
N MET A 74 -6.20 18.53 -12.76
CA MET A 74 -7.02 19.73 -12.84
C MET A 74 -6.27 20.83 -13.56
N GLN A 75 -6.95 21.51 -14.48
CA GLN A 75 -6.39 22.58 -15.29
C GLN A 75 -5.22 22.10 -16.16
N ASP A 76 -5.04 20.79 -16.33
CA ASP A 76 -4.00 20.25 -17.21
C ASP A 76 -4.52 20.09 -18.64
N HIS A 77 -4.91 21.21 -19.23
CA HIS A 77 -5.59 21.16 -20.50
C HIS A 77 -4.65 20.82 -21.66
N ASP A 78 -3.35 21.01 -21.48
CA ASP A 78 -2.36 20.53 -22.45
C ASP A 78 -2.03 19.05 -22.25
N CYS A 79 -2.66 18.40 -21.29
CA CYS A 79 -2.53 16.96 -21.07
C CYS A 79 -1.06 16.55 -20.93
N LYS A 80 -0.37 17.25 -20.05
CA LYS A 80 1.00 16.89 -19.72
C LYS A 80 1.11 15.90 -18.58
N ASP A 81 0.08 15.79 -17.74
CA ASP A 81 0.13 14.89 -16.59
C ASP A 81 -0.06 13.46 -17.03
N TRP A 82 0.79 12.55 -16.54
CA TRP A 82 0.82 11.18 -17.07
C TRP A 82 -0.45 10.43 -16.74
N VAL A 83 -0.97 10.58 -15.51
CA VAL A 83 -2.21 9.91 -15.18
C VAL A 83 -3.34 10.42 -16.05
N HIS A 84 -3.39 11.74 -16.23
CA HIS A 84 -4.38 12.32 -17.14
C HIS A 84 -4.28 11.65 -18.50
N LYS A 85 -3.06 11.54 -19.04
CA LYS A 85 -2.87 10.94 -20.36
C LYS A 85 -3.39 9.51 -20.39
N GLU A 86 -3.10 8.75 -19.34
CA GLU A 86 -3.49 7.34 -19.28
C GLU A 86 -5.01 7.20 -19.24
N ILE A 87 -5.68 8.04 -18.46
CA ILE A 87 -7.13 8.03 -18.39
C ILE A 87 -7.73 8.38 -19.75
N VAL A 88 -7.23 9.44 -20.41
CA VAL A 88 -7.81 9.83 -21.70
C VAL A 88 -7.65 8.71 -22.70
N THR A 89 -6.49 8.04 -22.67
CA THR A 89 -6.24 6.89 -23.54
C THR A 89 -7.22 5.77 -23.25
N ALA A 90 -7.43 5.44 -21.96
CA ALA A 90 -8.37 4.37 -21.63
C ALA A 90 -9.78 4.73 -22.06
N LEU A 91 -10.16 5.99 -21.86
CA LEU A 91 -11.50 6.41 -22.27
C LEU A 91 -11.67 6.35 -23.79
N SER A 92 -10.71 6.92 -24.53
N SER A 92 -10.71 6.94 -24.52
CA SER A 92 -10.83 7.01 -26.00
CA SER A 92 -10.78 7.01 -25.99
C SER A 92 -10.71 5.65 -26.69
C SER A 92 -10.80 5.63 -26.62
N CYS A 93 -10.07 4.67 -26.03
CA CYS A 93 -10.00 3.30 -26.50
C CYS A 93 -11.15 2.43 -26.00
N GLY A 94 -12.04 2.96 -25.18
CA GLY A 94 -13.18 2.17 -24.74
C GLY A 94 -12.79 1.02 -23.85
N LYS A 95 -11.76 1.20 -23.06
CA LYS A 95 -11.33 0.14 -22.17
C LYS A 95 -12.32 -0.08 -21.03
N ASN A 96 -12.25 -1.27 -20.45
CA ASN A 96 -13.02 -1.59 -19.24
C ASN A 96 -12.31 -0.90 -18.09
N ILE A 97 -12.82 0.24 -17.68
CA ILE A 97 -12.22 1.07 -16.65
C ILE A 97 -12.80 0.68 -15.28
N VAL A 98 -11.93 0.39 -14.32
CA VAL A 98 -12.35 -0.04 -12.98
C VAL A 98 -11.67 0.87 -11.97
N PRO A 99 -12.34 1.94 -11.52
CA PRO A 99 -11.76 2.78 -10.48
C PRO A 99 -11.79 2.08 -9.12
N ILE A 100 -10.68 2.19 -8.40
CA ILE A 100 -10.53 1.69 -7.04
C ILE A 100 -10.44 2.90 -6.14
N ILE A 101 -11.39 3.05 -5.21
CA ILE A 101 -11.49 4.23 -4.36
C ILE A 101 -10.88 3.93 -2.99
N ASP A 102 -9.89 4.74 -2.61
CA ASP A 102 -9.21 4.62 -1.32
C ASP A 102 -9.08 6.01 -0.71
N GLY A 103 -10.11 6.43 0.03
CA GLY A 103 -10.05 7.76 0.63
C GLY A 103 -10.16 8.91 -0.35
N PHE A 104 -10.65 8.64 -1.55
CA PHE A 104 -10.74 9.65 -2.59
C PHE A 104 -12.06 10.38 -2.51
N GLU A 105 -12.02 11.71 -2.65
CA GLU A 105 -13.20 12.55 -2.73
C GLU A 105 -13.52 12.82 -4.18
N TRP A 106 -14.74 12.50 -4.60
CA TRP A 106 -15.16 12.71 -5.98
C TRP A 106 -15.27 14.19 -6.28
N PRO A 107 -14.50 14.71 -7.23
CA PRO A 107 -14.62 16.13 -7.57
C PRO A 107 -15.82 16.37 -8.45
N GLU A 108 -16.25 17.63 -8.48
CA GLU A 108 -17.26 18.05 -9.45
C GLU A 108 -16.68 17.89 -10.86
N PRO A 109 -17.46 17.44 -11.83
CA PRO A 109 -16.89 17.19 -13.17
C PRO A 109 -16.22 18.41 -13.76
N GLN A 110 -16.79 19.61 -13.55
CA GLN A 110 -16.29 20.81 -14.21
C GLN A 110 -14.89 21.22 -13.75
N VAL A 111 -14.35 20.63 -12.68
CA VAL A 111 -12.98 20.96 -12.27
C VAL A 111 -11.96 20.14 -13.05
N LEU A 112 -12.43 19.14 -13.84
CA LEU A 112 -11.55 18.31 -14.65
C LEU A 112 -11.60 18.71 -16.12
N PRO A 113 -10.52 18.52 -16.84
CA PRO A 113 -10.55 18.75 -18.30
C PRO A 113 -11.66 17.92 -18.95
N GLU A 114 -12.28 18.49 -19.97
CA GLU A 114 -13.39 17.84 -20.65
C GLU A 114 -13.04 16.42 -21.10
N ASP A 115 -11.79 16.20 -21.51
CA ASP A 115 -11.43 14.92 -22.13
C ASP A 115 -11.32 13.78 -21.13
N MET A 116 -11.44 14.06 -19.83
CA MET A 116 -11.46 12.99 -18.84
C MET A 116 -12.64 13.01 -17.89
N GLN A 117 -13.58 13.95 -18.05
CA GLN A 117 -14.72 13.99 -17.15
C GLN A 117 -15.51 12.68 -17.15
N ALA A 118 -15.48 11.93 -18.25
CA ALA A 118 -16.24 10.70 -18.33
C ALA A 118 -15.76 9.65 -17.35
N VAL A 119 -14.55 9.78 -16.79
CA VAL A 119 -14.09 8.75 -15.88
C VAL A 119 -15.00 8.66 -14.66
N LEU A 120 -15.66 9.76 -14.32
CA LEU A 120 -16.54 9.80 -13.16
C LEU A 120 -17.85 9.04 -13.38
N THR A 121 -18.11 8.53 -14.59
CA THR A 121 -19.36 7.83 -14.86
C THR A 121 -19.22 6.32 -14.69
N PHE A 122 -18.04 5.82 -14.36
CA PHE A 122 -17.85 4.38 -14.23
C PHE A 122 -18.07 3.92 -12.80
N ASN A 123 -18.65 2.74 -12.66
CA ASN A 123 -18.84 2.15 -11.35
C ASN A 123 -17.50 1.84 -10.70
N GLY A 124 -17.32 2.32 -9.47
CA GLY A 124 -16.09 2.12 -8.75
C GLY A 124 -16.19 1.09 -7.63
N ILE A 125 -15.03 0.64 -7.19
CA ILE A 125 -14.89 -0.32 -6.11
C ILE A 125 -14.21 0.38 -4.93
N LYS A 126 -14.85 0.30 -3.77
CA LYS A 126 -14.28 0.88 -2.55
C LYS A 126 -13.28 -0.11 -1.99
N TRP A 127 -12.04 0.32 -1.78
CA TRP A 127 -11.04 -0.49 -1.13
C TRP A 127 -11.35 -0.59 0.36
N SER A 128 -11.46 -1.81 0.88
CA SER A 128 -11.75 -2.01 2.31
C SER A 128 -10.55 -2.65 2.99
N HIS A 129 -9.91 -1.91 3.89
CA HIS A 129 -8.79 -2.47 4.64
C HIS A 129 -9.21 -3.68 5.45
N GLU A 130 -10.42 -3.63 6.01
CA GLU A 130 -10.87 -4.71 6.88
C GLU A 130 -11.34 -5.94 6.12
N TYR A 131 -11.76 -5.78 4.86
CA TYR A 131 -12.26 -6.86 4.01
C TYR A 131 -11.52 -6.85 2.66
N GLN A 132 -10.20 -7.10 2.69
CA GLN A 132 -9.40 -6.97 1.46
C GLN A 132 -9.66 -8.12 0.51
N GLU A 133 -9.80 -9.34 1.02
CA GLU A 133 -10.02 -10.46 0.11
C GLU A 133 -11.33 -10.26 -0.65
N ALA A 134 -12.34 -9.74 0.03
CA ALA A 134 -13.64 -9.50 -0.62
C ALA A 134 -13.54 -8.38 -1.64
N THR A 135 -12.74 -7.36 -1.33
CA THR A 135 -12.47 -6.29 -2.29
C THR A 135 -11.80 -6.86 -3.54
N ILE A 136 -10.78 -7.69 -3.36
CA ILE A 136 -10.12 -8.31 -4.50
C ILE A 136 -11.11 -9.16 -5.28
N GLU A 137 -11.98 -9.91 -4.61
CA GLU A 137 -12.92 -10.75 -5.35
C GLU A 137 -13.86 -9.89 -6.20
N LYS A 138 -14.27 -8.73 -5.68
CA LYS A 138 -15.12 -7.82 -6.45
C LYS A 138 -14.35 -7.26 -7.65
N ILE A 139 -13.09 -6.90 -7.47
CA ILE A 139 -12.30 -6.42 -8.60
C ILE A 139 -12.22 -7.48 -9.68
N ILE A 140 -12.02 -8.73 -9.29
CA ILE A 140 -11.91 -9.80 -10.28
C ILE A 140 -13.23 -9.98 -11.03
N ARG A 141 -14.37 -9.86 -10.34
CA ARG A 141 -15.68 -9.88 -11.00
C ARG A 141 -15.79 -8.76 -12.02
N PHE A 142 -15.15 -7.62 -11.75
CA PHE A 142 -15.25 -6.49 -12.66
C PHE A 142 -14.35 -6.64 -13.87
N LEU A 143 -13.27 -7.42 -13.76
CA LEU A 143 -12.32 -7.54 -14.87
C LEU A 143 -12.91 -8.42 -15.97
N GLN A 144 -12.55 -8.10 -17.21
CA GLN A 144 -12.90 -8.88 -18.39
C GLN A 144 -11.74 -9.77 -18.88
N THR B 5 1.20 -20.37 16.74
CA THR B 5 1.66 -19.00 16.96
C THR B 5 2.29 -18.47 15.67
N PRO B 6 2.04 -17.21 15.31
CA PRO B 6 2.63 -16.68 14.07
C PRO B 6 4.12 -16.44 14.20
N ASP B 7 4.82 -16.51 13.07
CA ASP B 7 6.24 -16.17 13.01
C ASP B 7 6.48 -14.66 13.08
N VAL B 8 5.52 -13.87 12.61
CA VAL B 8 5.72 -12.46 12.34
C VAL B 8 4.50 -11.69 12.83
N PHE B 9 4.74 -10.65 13.62
CA PHE B 9 3.73 -9.67 13.98
C PHE B 9 4.00 -8.39 13.23
N ILE B 10 2.98 -7.85 12.53
CA ILE B 10 3.12 -6.60 11.80
C ILE B 10 2.42 -5.47 12.56
N SER B 11 3.22 -4.50 13.01
CA SER B 11 2.75 -3.32 13.71
C SER B 11 2.82 -2.12 12.78
N TYR B 12 1.74 -1.35 12.76
CA TYR B 12 1.64 -0.30 11.76
C TYR B 12 0.67 0.74 12.27
N ARG B 13 0.80 1.95 11.73
CA ARG B 13 -0.10 3.08 12.03
C ARG B 13 -1.23 3.08 11.02
N ARG B 14 -2.45 2.93 11.54
CA ARG B 14 -3.59 2.63 10.68
C ARG B 14 -3.78 3.71 9.63
N ASN B 15 -3.60 4.97 10.00
CA ASN B 15 -3.94 6.06 9.08
C ASN B 15 -2.91 6.28 7.98
N SER B 16 -1.77 5.57 7.98
CA SER B 16 -0.75 5.90 6.98
C SER B 16 0.05 4.69 6.51
N GLY B 17 0.03 3.60 7.28
CA GLY B 17 0.79 2.41 6.94
C GLY B 17 -0.04 1.18 6.57
N SER B 18 -1.36 1.32 6.43
N SER B 18 -1.36 1.30 6.46
CA SER B 18 -2.24 0.16 6.24
CA SER B 18 -2.22 0.14 6.21
C SER B 18 -1.99 -0.58 4.92
C SER B 18 -1.84 -0.58 4.92
N GLN B 19 -1.66 0.15 3.86
N GLN B 19 -1.69 0.17 3.84
CA GLN B 19 -1.43 -0.50 2.58
CA GLN B 19 -1.41 -0.45 2.56
C GLN B 19 -0.09 -1.24 2.59
C GLN B 19 -0.10 -1.22 2.58
N LEU B 20 0.96 -0.60 3.09
CA LEU B 20 2.25 -1.29 3.12
C LEU B 20 2.22 -2.49 4.06
N ALA B 21 1.54 -2.34 5.20
CA ALA B 21 1.44 -3.44 6.14
C ALA B 21 0.77 -4.64 5.47
N SER B 22 -0.26 -4.35 4.67
CA SER B 22 -1.01 -5.39 3.97
C SER B 22 -0.17 -6.03 2.88
N LEU B 23 0.63 -5.22 2.19
CA LEU B 23 1.54 -5.70 1.15
C LEU B 23 2.61 -6.61 1.75
N LEU B 24 3.19 -6.21 2.88
CA LEU B 24 4.13 -7.06 3.60
C LEU B 24 3.49 -8.37 4.02
N LYS B 25 2.27 -8.33 4.54
CA LYS B 25 1.60 -9.57 4.92
C LYS B 25 1.51 -10.52 3.74
N VAL B 26 1.06 -10.04 2.58
CA VAL B 26 0.90 -10.93 1.45
C VAL B 26 2.23 -11.57 1.06
N HIS B 27 3.27 -10.74 0.92
CA HIS B 27 4.56 -11.26 0.50
C HIS B 27 5.16 -12.25 1.51
N LEU B 28 5.07 -11.95 2.79
CA LEU B 28 5.65 -12.90 3.75
C LEU B 28 4.88 -14.21 3.79
N GLN B 29 3.55 -14.18 3.65
CA GLN B 29 2.83 -15.45 3.55
C GLN B 29 3.23 -16.21 2.31
N LEU B 30 3.45 -15.51 1.19
CA LEU B 30 3.81 -16.25 -0.03
C LEU B 30 5.17 -16.92 0.09
N HIS B 31 6.02 -16.43 0.99
CA HIS B 31 7.31 -17.04 1.25
C HIS B 31 7.30 -17.97 2.45
N GLY B 32 6.12 -18.33 2.95
CA GLY B 32 5.97 -19.39 3.93
C GLY B 32 5.97 -18.96 5.38
N PHE B 33 5.91 -17.66 5.64
CA PHE B 33 5.86 -17.19 7.02
C PHE B 33 4.42 -17.08 7.48
N SER B 34 4.17 -17.47 8.74
CA SER B 34 2.88 -17.18 9.36
C SER B 34 2.92 -15.76 9.90
N VAL B 35 1.88 -14.99 9.57
CA VAL B 35 1.85 -13.57 9.83
C VAL B 35 0.60 -13.22 10.64
N PHE B 36 0.81 -12.39 11.66
CA PHE B 36 -0.29 -11.76 12.37
C PHE B 36 -0.42 -10.31 11.92
N ILE B 37 -1.56 -9.95 11.39
CA ILE B 37 -1.94 -8.57 11.23
C ILE B 37 -3.35 -8.47 11.76
N ASP B 38 -3.62 -7.41 12.47
CA ASP B 38 -4.88 -7.25 13.19
C ASP B 38 -6.09 -7.56 12.31
N VAL B 39 -6.16 -6.99 11.12
CA VAL B 39 -7.39 -7.15 10.34
C VAL B 39 -7.65 -8.60 9.91
N GLU B 40 -6.66 -9.48 9.95
CA GLU B 40 -6.90 -10.88 9.61
C GLU B 40 -6.93 -11.81 10.82
N LYS B 41 -6.22 -11.49 11.88
CA LYS B 41 -6.06 -12.48 12.94
C LYS B 41 -6.52 -12.01 14.30
N LEU B 42 -6.79 -10.72 14.50
CA LEU B 42 -7.34 -10.28 15.76
C LEU B 42 -8.82 -10.65 15.81
N GLU B 43 -9.19 -11.44 16.79
CA GLU B 43 -10.57 -11.92 16.85
C GLU B 43 -11.25 -11.41 18.12
N ALA B 44 -12.12 -12.22 18.71
CA ALA B 44 -13.02 -11.70 19.72
C ALA B 44 -12.29 -11.57 21.04
N GLY B 45 -12.76 -10.64 21.87
CA GLY B 45 -12.26 -10.44 23.21
C GLY B 45 -11.69 -9.04 23.41
N LYS B 46 -11.00 -8.86 24.52
CA LYS B 46 -10.47 -7.54 24.85
C LYS B 46 -9.22 -7.32 24.01
N PHE B 47 -9.31 -6.36 23.08
CA PHE B 47 -8.34 -6.33 22.01
C PHE B 47 -6.96 -5.93 22.54
N GLU B 48 -6.88 -5.08 23.56
CA GLU B 48 -5.56 -4.74 24.09
C GLU B 48 -4.81 -6.00 24.53
N ASP B 49 -5.47 -6.81 25.36
CA ASP B 49 -4.85 -8.03 25.88
C ASP B 49 -4.50 -9.00 24.75
N LYS B 50 -5.40 -9.16 23.77
CA LYS B 50 -5.12 -10.07 22.67
C LYS B 50 -3.97 -9.58 21.80
N LEU B 51 -3.88 -8.27 21.55
CA LEU B 51 -2.76 -7.76 20.74
C LEU B 51 -1.43 -7.96 21.46
N ILE B 52 -1.39 -7.64 22.75
CA ILE B 52 -0.14 -7.84 23.47
C ILE B 52 0.25 -9.31 23.45
N GLN B 53 -0.72 -10.21 23.68
CA GLN B 53 -0.41 -11.64 23.64
C GLN B 53 0.16 -12.01 22.29
N SER B 54 -0.36 -11.39 21.24
CA SER B 54 0.09 -11.74 19.90
C SER B 54 1.48 -11.23 19.63
N VAL B 55 1.84 -10.05 20.15
CA VAL B 55 3.21 -9.60 20.03
C VAL B 55 4.14 -10.56 20.79
N MET B 56 3.72 -10.95 22.01
CA MET B 56 4.54 -11.85 22.83
C MET B 56 4.78 -13.20 22.17
N GLY B 57 3.82 -13.66 21.36
CA GLY B 57 3.90 -14.95 20.72
C GLY B 57 4.76 -14.99 19.47
N ALA B 58 5.01 -13.85 18.85
CA ALA B 58 5.66 -13.84 17.55
C ALA B 58 7.16 -13.64 17.70
N ARG B 59 7.95 -14.46 16.99
CA ARG B 59 9.41 -14.33 17.06
C ARG B 59 9.89 -13.03 16.43
N ASN B 60 9.27 -12.60 15.33
CA ASN B 60 9.68 -11.42 14.58
C ASN B 60 8.65 -10.32 14.74
N PHE B 61 9.11 -9.09 14.89
CA PHE B 61 8.25 -7.93 15.05
C PHE B 61 8.60 -6.98 13.93
N VAL B 62 7.72 -6.91 12.94
CA VAL B 62 7.93 -6.05 11.77
C VAL B 62 7.17 -4.75 12.00
N LEU B 63 7.92 -3.65 12.04
CA LEU B 63 7.37 -2.35 12.36
C LEU B 63 7.36 -1.47 11.13
N VAL B 64 6.17 -1.09 10.70
CA VAL B 64 5.99 -0.31 9.48
C VAL B 64 6.13 1.16 9.86
N LEU B 65 7.22 1.79 9.43
CA LEU B 65 7.43 3.21 9.71
C LEU B 65 7.11 4.03 8.46
N SER B 66 5.82 4.28 8.31
CA SER B 66 5.28 5.22 7.35
C SER B 66 5.49 6.63 7.87
N PRO B 67 5.21 7.64 7.05
CA PRO B 67 5.44 9.02 7.51
C PRO B 67 4.64 9.35 8.77
N GLY B 68 5.34 9.83 9.80
CA GLY B 68 4.66 10.20 11.03
C GLY B 68 4.20 9.05 11.91
N ALA B 69 4.68 7.83 11.64
CA ALA B 69 4.12 6.65 12.29
C ALA B 69 4.32 6.66 13.80
N LEU B 70 5.35 7.33 14.32
CA LEU B 70 5.58 7.39 15.76
C LEU B 70 5.09 8.69 16.38
N ASP B 71 4.38 9.54 15.62
CA ASP B 71 3.95 10.83 16.14
C ASP B 71 3.05 10.68 17.37
N LYS B 72 2.11 9.73 17.33
CA LYS B 72 1.22 9.51 18.48
C LYS B 72 1.93 8.87 19.66
N CYS B 73 3.14 8.34 19.47
CA CYS B 73 3.91 7.83 20.60
C CYS B 73 4.55 8.96 21.40
N MET B 74 4.78 10.11 20.78
CA MET B 74 5.46 11.23 21.45
C MET B 74 4.58 11.82 22.56
N GLN B 75 5.20 12.11 23.69
CA GLN B 75 4.51 12.60 24.88
C GLN B 75 3.49 11.59 25.42
N ASP B 76 3.51 10.35 24.95
CA ASP B 76 2.60 9.31 25.44
C ASP B 76 3.24 8.53 26.58
N HIS B 77 3.53 9.23 27.67
CA HIS B 77 4.30 8.63 28.75
C HIS B 77 3.48 7.65 29.59
N ASP B 78 2.15 7.72 29.53
CA ASP B 78 1.31 6.69 30.13
C ASP B 78 1.10 5.50 29.19
N CYS B 79 1.69 5.53 28.00
CA CYS B 79 1.68 4.38 27.09
C CYS B 79 0.26 3.92 26.78
N LYS B 80 -0.58 4.85 26.34
CA LYS B 80 -1.93 4.54 25.89
C LYS B 80 -2.01 4.24 24.40
N ASP B 81 -1.01 4.67 23.64
CA ASP B 81 -1.03 4.47 22.20
C ASP B 81 -0.70 3.03 21.85
N TRP B 82 -1.49 2.43 20.95
CA TRP B 82 -1.37 0.99 20.67
C TRP B 82 -0.06 0.64 19.99
N VAL B 83 0.39 1.43 19.02
CA VAL B 83 1.71 1.17 18.43
C VAL B 83 2.78 1.28 19.50
N HIS B 84 2.69 2.30 20.36
CA HIS B 84 3.64 2.42 21.46
C HIS B 84 3.67 1.16 22.31
N LYS B 85 2.49 0.68 22.71
CA LYS B 85 2.40 -0.51 23.54
C LYS B 85 3.01 -1.71 22.85
N GLU B 86 2.72 -1.88 21.56
CA GLU B 86 3.26 -3.00 20.79
C GLU B 86 4.78 -2.93 20.73
N ILE B 87 5.35 -1.73 20.54
CA ILE B 87 6.82 -1.59 20.50
C ILE B 87 7.42 -1.93 21.84
N VAL B 88 6.84 -1.41 22.92
CA VAL B 88 7.38 -1.70 24.26
C VAL B 88 7.35 -3.19 24.55
N THR B 89 6.25 -3.86 24.18
CA THR B 89 6.15 -5.31 24.36
C THR B 89 7.25 -6.01 23.60
N ALA B 90 7.47 -5.63 22.32
CA ALA B 90 8.50 -6.28 21.51
C ALA B 90 9.88 -6.02 22.09
N LEU B 91 10.14 -4.80 22.58
CA LEU B 91 11.43 -4.53 23.22
C LEU B 91 11.60 -5.33 24.51
N SER B 92 10.55 -5.35 25.35
CA SER B 92 10.61 -6.03 26.64
C SER B 92 10.82 -7.54 26.48
N CYS B 93 10.25 -8.12 25.45
CA CYS B 93 10.37 -9.55 25.18
C CYS B 93 11.59 -9.88 24.34
N GLY B 94 12.41 -8.91 23.98
CA GLY B 94 13.62 -9.21 23.24
C GLY B 94 13.35 -9.75 21.85
N LYS B 95 12.30 -9.28 21.20
CA LYS B 95 11.93 -9.81 19.88
C LYS B 95 12.89 -9.32 18.81
N ASN B 96 12.92 -10.05 17.71
CA ASN B 96 13.67 -9.63 16.53
C ASN B 96 12.89 -8.51 15.85
N ILE B 97 13.28 -7.27 16.11
CA ILE B 97 12.57 -6.11 15.58
C ILE B 97 13.15 -5.73 14.23
N VAL B 98 12.27 -5.57 13.26
CA VAL B 98 12.67 -5.27 11.90
C VAL B 98 11.88 -4.07 11.39
N PRO B 99 12.43 -2.87 11.53
CA PRO B 99 11.75 -1.68 11.05
C PRO B 99 11.79 -1.61 9.55
N ILE B 100 10.67 -1.26 8.97
CA ILE B 100 10.55 -1.03 7.54
C ILE B 100 10.31 0.46 7.32
N ILE B 101 11.21 1.12 6.61
CA ILE B 101 11.17 2.58 6.45
C ILE B 101 10.55 2.95 5.11
N ASP B 102 9.44 3.72 5.16
CA ASP B 102 8.74 4.19 3.96
C ASP B 102 8.44 5.68 4.10
N GLY B 103 9.40 6.53 3.71
CA GLY B 103 9.18 7.96 3.84
C GLY B 103 9.21 8.46 5.26
N PHE B 104 9.76 7.68 6.19
CA PHE B 104 9.79 8.03 7.60
C PHE B 104 11.05 8.81 7.87
N GLU B 105 10.93 9.89 8.64
CA GLU B 105 12.07 10.66 9.12
C GLU B 105 12.35 10.27 10.56
N TRP B 106 13.59 9.87 10.82
CA TRP B 106 13.98 9.39 12.14
C TRP B 106 13.95 10.53 13.15
N PRO B 107 13.15 10.44 14.21
CA PRO B 107 13.17 11.49 15.22
C PRO B 107 14.41 11.35 16.09
N GLU B 108 14.76 12.45 16.75
CA GLU B 108 15.78 12.38 17.77
C GLU B 108 15.26 11.56 18.94
N PRO B 109 16.12 10.74 19.59
CA PRO B 109 15.60 9.84 20.64
C PRO B 109 14.84 10.57 21.74
N GLN B 110 15.28 11.77 22.11
CA GLN B 110 14.70 12.47 23.25
C GLN B 110 13.24 12.86 23.02
N VAL B 111 12.74 12.80 21.79
CA VAL B 111 11.33 13.13 21.56
C VAL B 111 10.41 11.94 21.82
N LEU B 112 10.98 10.72 22.03
CA LEU B 112 10.20 9.50 22.26
C LEU B 112 10.23 9.12 23.73
N PRO B 113 9.17 8.48 24.23
CA PRO B 113 9.20 7.97 25.61
C PRO B 113 10.40 7.08 25.84
N GLU B 114 10.96 7.14 27.06
CA GLU B 114 12.16 6.38 27.38
C GLU B 114 11.98 4.90 27.11
N ASP B 115 10.76 4.35 27.29
CA ASP B 115 10.57 2.91 27.21
C ASP B 115 10.57 2.39 25.78
N MET B 116 10.61 3.27 24.78
CA MET B 116 10.70 2.82 23.39
C MET B 116 11.85 3.46 22.60
N GLN B 117 12.67 4.29 23.23
CA GLN B 117 13.76 4.90 22.48
C GLN B 117 14.67 3.85 21.84
N ALA B 118 14.76 2.65 22.44
CA ALA B 118 15.66 1.62 21.90
C ALA B 118 15.24 1.15 20.52
N VAL B 119 14.01 1.44 20.10
CA VAL B 119 13.60 0.96 18.80
C VAL B 119 14.48 1.59 17.71
N LEU B 120 15.04 2.77 17.99
CA LEU B 120 15.86 3.45 16.98
C LEU B 120 17.24 2.84 16.81
N THR B 121 17.62 1.86 17.62
CA THR B 121 18.95 1.25 17.53
C THR B 121 18.97 0.00 16.65
N PHE B 122 17.83 -0.38 16.06
CA PHE B 122 17.74 -1.61 15.27
C PHE B 122 17.95 -1.25 13.82
N ASN B 123 18.63 -2.15 13.10
CA ASN B 123 18.87 -1.96 11.68
C ASN B 123 17.54 -2.02 10.93
N GLY B 124 17.26 -0.98 10.12
CA GLY B 124 16.03 -0.92 9.37
C GLY B 124 16.22 -1.20 7.89
N ILE B 125 15.12 -1.48 7.23
CA ILE B 125 15.07 -1.78 5.81
C ILE B 125 14.27 -0.68 5.12
N LYS B 126 14.85 -0.11 4.05
CA LYS B 126 14.15 0.92 3.29
C LYS B 126 13.26 0.26 2.26
N TRP B 127 11.98 0.61 2.30
CA TRP B 127 11.07 0.10 1.32
C TRP B 127 11.38 0.79 0.00
N SER B 128 11.60 0.02 -1.06
CA SER B 128 11.88 0.58 -2.38
C SER B 128 10.73 0.22 -3.33
N HIS B 129 9.99 1.24 -3.73
CA HIS B 129 8.92 1.03 -4.70
C HIS B 129 9.44 0.50 -6.02
N GLU B 130 10.62 0.94 -6.44
CA GLU B 130 11.16 0.49 -7.70
C GLU B 130 11.79 -0.87 -7.63
N TYR B 131 12.23 -1.34 -6.43
CA TYR B 131 12.86 -2.63 -6.29
C TYR B 131 12.16 -3.41 -5.17
N GLN B 132 10.89 -3.76 -5.40
CA GLN B 132 10.14 -4.33 -4.31
C GLN B 132 10.52 -5.78 -4.01
N GLU B 133 10.79 -6.58 -5.05
CA GLU B 133 11.19 -7.96 -4.80
C GLU B 133 12.47 -8.00 -4.00
N ALA B 134 13.41 -7.12 -4.33
CA ALA B 134 14.67 -7.07 -3.59
C ALA B 134 14.45 -6.62 -2.16
N THR B 135 13.53 -5.68 -1.94
CA THR B 135 13.17 -5.28 -0.59
C THR B 135 12.65 -6.48 0.20
N ILE B 136 11.73 -7.23 -0.41
CA ILE B 136 11.13 -8.40 0.24
C ILE B 136 12.21 -9.43 0.56
N GLU B 137 13.14 -9.64 -0.38
CA GLU B 137 14.18 -10.64 -0.14
C GLU B 137 15.06 -10.22 1.05
N LYS B 138 15.33 -8.92 1.17
CA LYS B 138 16.10 -8.44 2.33
C LYS B 138 15.32 -8.66 3.62
N ILE B 139 14.01 -8.35 3.61
CA ILE B 139 13.20 -8.56 4.81
C ILE B 139 13.28 -10.01 5.25
N ILE B 140 13.18 -10.92 4.28
CA ILE B 140 13.21 -12.34 4.58
C ILE B 140 14.55 -12.71 5.18
N ARG B 141 15.66 -12.14 4.67
CA ARG B 141 16.97 -12.36 5.27
C ARG B 141 17.01 -11.91 6.72
N PHE B 142 16.28 -10.84 7.05
CA PHE B 142 16.29 -10.34 8.42
C PHE B 142 15.44 -11.17 9.36
N LEU B 143 14.45 -11.93 8.85
CA LEU B 143 13.57 -12.70 9.71
C LEU B 143 14.26 -13.96 10.22
N GLN B 144 13.93 -14.32 11.48
CA GLN B 144 14.44 -15.53 12.13
C GLN B 144 13.38 -16.63 12.14
#